data_7XQZ
#
_entry.id   7XQZ
#
_cell.length_a   51.530
_cell.length_b   114.020
_cell.length_c   180.540
_cell.angle_alpha   90.000
_cell.angle_beta   90.000
_cell.angle_gamma   90.000
#
_symmetry.space_group_name_H-M   'C 2 2 21'
#
loop_
_entity.id
_entity.type
_entity.pdbx_description
1 polymer 'SQHop_cyclase_C domain-containing protein'
2 non-polymer '(2Z,6E)-2-fluoro-3,7,11-trimethyldodeca-2,6,10-trien-1-yl trihydrogen diphosphate'
3 non-polymer 'MAGNESIUM ION'
4 water water
#
_entity_poly.entity_id   1
_entity_poly.type   'polypeptide(L)'
_entity_poly.pdbx_seq_one_letter_code
;HHHHHHATAVVRCRTRLARRVVAAVGPDGLLPAPCESRVLESALALALLTEERAEADATARLTAYLRTTLRTAPPDPFQC
AVARAVLGGAGERGERVGDEGDMDAGTALDAGLDGFDHFTAGRKRLMFRTVLAALGATGFPAVPWEAYDTRPQQSWLHME
MKALKVLAAHGTGHPDVVRDEDWRALLPALEPGPAWECNNLAQLLALLALRHSPRHRPALGDVLKHVAGRLRPDGGMPFI
DGMTVFTTAAAGLALSLLPAPPACVTPMADALALRRNPDGGYGFHSGVAQSDVADTCYVLEFLRRAAPDRHRTAVAEAEG
YLLALRNPDGGFPTFARGTSSEIAMTAAAASALAHDPDRREEVDEAVRYVVRHQRPDGTFERSWSRNATNAVFRAVLALT
GVAAHGEERRSRARAAERALAHLAATQNGDGGWGHAEAEPSDPISTAYAVIALARGPRARPGGPLDRALAYLVERQHPDG
GYRSRPDQAGPRPLLYDVPALADVFVLLALAHAT
;
_entity_poly.pdbx_strand_id   A
#
loop_
_chem_comp.id
_chem_comp.type
_chem_comp.name
_chem_comp.formula
FPF non-polymer '(2Z,6E)-2-fluoro-3,7,11-trimethyldodeca-2,6,10-trien-1-yl trihydrogen diphosphate' 'C15 H27 F O7 P2'
MG non-polymer 'MAGNESIUM ION' 'Mg 2'
#
# COMPACT_ATOMS: atom_id res chain seq x y z
N ALA A 7 17.99 -30.82 -3.44
CA ALA A 7 17.17 -30.09 -4.41
C ALA A 7 17.97 -28.95 -5.09
N THR A 8 17.32 -28.24 -5.99
CA THR A 8 17.96 -27.13 -6.68
C THR A 8 18.22 -25.97 -5.73
N ALA A 9 19.12 -25.08 -6.15
CA ALA A 9 19.44 -23.92 -5.32
C ALA A 9 18.20 -23.10 -5.03
N VAL A 10 17.24 -23.05 -5.97
CA VAL A 10 16.03 -22.26 -5.75
C VAL A 10 15.13 -22.93 -4.72
N VAL A 11 15.03 -24.26 -4.75
CA VAL A 11 14.21 -24.96 -3.77
C VAL A 11 14.83 -24.84 -2.39
N ARG A 12 16.16 -24.94 -2.29
CA ARG A 12 16.82 -24.71 -1.00
C ARG A 12 16.55 -23.30 -0.49
N CYS A 13 16.70 -22.30 -1.37
CA CYS A 13 16.38 -20.92 -1.01
C CYS A 13 14.94 -20.81 -0.49
N ARG A 14 14.00 -21.40 -1.23
CA ARG A 14 12.60 -21.41 -0.80
C ARG A 14 12.45 -22.02 0.58
N THR A 15 13.14 -23.14 0.84
CA THR A 15 12.99 -23.82 2.12
C THR A 15 13.51 -22.96 3.26
N ARG A 16 14.70 -22.38 3.11
CA ARG A 16 15.25 -21.52 4.15
C ARG A 16 14.34 -20.32 4.41
N LEU A 17 13.76 -19.74 3.34
CA LEU A 17 12.89 -18.59 3.52
C LEU A 17 11.58 -18.98 4.20
N ALA A 18 11.03 -20.16 3.85
CA ALA A 18 9.78 -20.60 4.48
C ALA A 18 9.96 -20.79 5.98
N ARG A 19 11.06 -21.45 6.37
CA ARG A 19 11.37 -21.61 7.79
C ARG A 19 11.38 -20.26 8.50
N ARG A 20 11.94 -19.24 7.85
CA ARG A 20 12.03 -17.93 8.47
C ARG A 20 10.66 -17.28 8.61
N VAL A 21 9.82 -17.40 7.57
CA VAL A 21 8.51 -16.78 7.62
C VAL A 21 7.61 -17.48 8.63
N VAL A 22 7.65 -18.82 8.66
CA VAL A 22 6.91 -19.57 9.68
C VAL A 22 7.33 -19.12 11.07
N ALA A 23 8.64 -19.06 11.30
CA ALA A 23 9.13 -18.67 12.62
C ALA A 23 8.68 -17.26 12.99
N ALA A 24 8.47 -16.38 12.01
CA ALA A 24 8.07 -15.01 12.30
C ALA A 24 6.60 -14.88 12.70
N VAL A 25 5.77 -15.85 12.36
CA VAL A 25 4.36 -15.83 12.76
C VAL A 25 4.25 -16.10 14.26
N GLY A 26 3.57 -15.21 14.98
CA GLY A 26 3.45 -15.33 16.42
C GLY A 26 2.39 -16.36 16.82
N PRO A 27 2.31 -16.62 18.12
CA PRO A 27 1.27 -17.56 18.61
C PRO A 27 -0.15 -17.08 18.36
N ASP A 28 -0.37 -15.78 18.23
CA ASP A 28 -1.69 -15.23 17.90
C ASP A 28 -2.04 -15.39 16.42
N GLY A 29 -1.19 -16.07 15.64
CA GLY A 29 -1.46 -16.28 14.24
C GLY A 29 -1.12 -15.12 13.32
N LEU A 30 -0.54 -14.05 13.83
CA LEU A 30 -0.24 -12.88 13.01
C LEU A 30 1.26 -12.75 12.77
N LEU A 31 1.62 -12.30 11.57
CA LEU A 31 2.98 -11.93 11.26
C LEU A 31 3.14 -10.44 11.57
N PRO A 32 3.93 -10.05 12.57
CA PRO A 32 4.08 -8.62 12.85
C PRO A 32 4.65 -7.87 11.64
N ALA A 33 4.12 -6.68 11.38
CA ALA A 33 4.46 -5.93 10.17
C ALA A 33 4.49 -4.44 10.47
N PRO A 34 5.40 -3.99 11.32
CA PRO A 34 5.49 -2.56 11.62
C PRO A 34 5.97 -1.77 10.41
N CYS A 35 5.59 -0.50 10.40
CA CYS A 35 6.02 0.47 9.40
C CYS A 35 7.18 1.29 9.95
N GLU A 36 8.19 1.50 9.11
CA GLU A 36 9.35 2.31 9.47
C GLU A 36 8.97 3.78 9.56
N SER A 37 9.82 4.55 10.25
CA SER A 37 9.67 6.00 10.30
C SER A 37 9.65 6.58 8.89
N ARG A 38 8.90 7.67 8.72
CA ARG A 38 8.85 8.36 7.43
C ARG A 38 9.07 9.85 7.63
N VAL A 39 9.78 10.47 6.69
CA VAL A 39 10.16 11.87 6.85
C VAL A 39 8.90 12.74 6.96
N LEU A 40 7.93 12.52 6.07
CA LEU A 40 6.74 13.36 6.04
C LEU A 40 6.05 13.43 7.40
N GLU A 41 5.71 12.27 7.97
CA GLU A 41 5.00 12.29 9.24
C GLU A 41 5.87 12.80 10.38
N SER A 42 7.17 12.51 10.32
CA SER A 42 8.05 13.02 11.36
C SER A 42 8.17 14.54 11.29
N ALA A 43 8.12 15.11 10.09
CA ALA A 43 8.14 16.56 9.96
C ALA A 43 6.84 17.16 10.46
N LEU A 44 5.70 16.56 10.12
CA LEU A 44 4.43 17.07 10.62
C LEU A 44 4.35 16.94 12.14
N ALA A 45 4.81 15.81 12.69
CA ALA A 45 4.85 15.69 14.14
C ALA A 45 5.73 16.77 14.76
N LEU A 46 6.86 17.06 14.11
CA LEU A 46 7.76 18.07 14.64
C LEU A 46 7.11 19.45 14.62
N ALA A 47 6.44 19.80 13.53
CA ALA A 47 5.78 21.10 13.45
C ALA A 47 4.65 21.22 14.45
N LEU A 48 3.89 20.13 14.65
CA LEU A 48 2.81 20.15 15.63
C LEU A 48 3.32 20.35 17.05
N LEU A 49 4.31 19.55 17.46
CA LEU A 49 4.81 19.64 18.82
C LEU A 49 5.53 20.97 19.06
N THR A 50 6.24 21.47 18.05
CA THR A 50 6.92 22.75 18.17
C THR A 50 5.91 23.89 18.35
N GLU A 51 4.87 23.94 17.51
CA GLU A 51 3.87 24.99 17.64
C GLU A 51 3.22 24.99 19.02
N GLU A 52 2.97 23.80 19.57
CA GLU A 52 2.33 23.71 20.88
C GLU A 52 3.32 23.75 22.03
N ARG A 53 4.61 23.93 21.75
CA ARG A 53 5.66 23.92 22.76
C ARG A 53 5.49 22.75 23.72
N ALA A 54 5.36 21.56 23.16
CA ALA A 54 5.10 20.36 23.94
C ALA A 54 6.13 19.29 23.63
N GLU A 55 6.43 18.46 24.64
CA GLU A 55 7.26 17.26 24.50
C GLU A 55 8.64 17.61 23.91
N ALA A 56 9.43 18.31 24.73
CA ALA A 56 10.74 18.75 24.26
C ALA A 56 11.63 17.59 23.87
N ASP A 57 11.63 16.52 24.66
CA ASP A 57 12.49 15.37 24.33
C ASP A 57 12.12 14.81 22.96
N ALA A 58 10.83 14.63 22.70
CA ALA A 58 10.39 14.06 21.43
C ALA A 58 10.75 14.97 20.26
N THR A 59 10.60 16.28 20.41
CA THR A 59 10.91 17.16 19.28
C THR A 59 12.41 17.19 19.00
N ALA A 60 13.25 17.03 20.04
CA ALA A 60 14.69 16.96 19.81
C ALA A 60 15.05 15.70 19.03
N ARG A 61 14.46 14.57 19.38
CA ARG A 61 14.70 13.34 18.63
C ARG A 61 14.17 13.46 17.20
N LEU A 62 12.96 13.99 17.03
CA LEU A 62 12.44 14.14 15.67
C LEU A 62 13.39 14.97 14.82
N THR A 63 13.90 16.08 15.37
CA THR A 63 14.81 16.95 14.64
C THR A 63 16.06 16.20 14.21
N ALA A 64 16.65 15.44 15.13
CA ALA A 64 17.84 14.67 14.80
C ALA A 64 17.53 13.59 13.77
N TYR A 65 16.37 12.93 13.89
CA TYR A 65 16.00 11.94 12.88
C TYR A 65 15.92 12.59 11.49
N LEU A 66 15.26 13.74 11.40
CA LEU A 66 15.09 14.42 10.12
C LEU A 66 16.44 14.81 9.52
N ARG A 67 17.34 15.35 10.33
CA ARG A 67 18.66 15.73 9.80
C ARG A 67 19.43 14.50 9.35
N THR A 68 19.50 13.46 10.19
CA THR A 68 20.22 12.26 9.81
C THR A 68 19.67 11.67 8.51
N THR A 69 18.35 11.58 8.40
CA THR A 69 17.74 10.97 7.22
C THR A 69 18.02 11.78 5.96
N LEU A 70 17.93 13.11 6.06
CA LEU A 70 18.21 13.94 4.90
C LEU A 70 19.65 13.77 4.42
N ARG A 71 20.59 13.56 5.33
CA ARG A 71 21.99 13.41 4.93
C ARG A 71 22.28 12.03 4.37
N THR A 72 21.70 10.98 4.96
CA THR A 72 22.09 9.61 4.63
C THR A 72 21.14 8.95 3.63
N ALA A 73 19.82 9.07 3.82
CA ALA A 73 18.83 8.39 3.00
C ALA A 73 17.70 9.35 2.63
N PRO A 74 18.01 10.41 1.89
CA PRO A 74 16.98 11.39 1.52
C PRO A 74 15.85 10.73 0.75
N PRO A 75 14.60 11.11 1.02
CA PRO A 75 13.47 10.56 0.24
C PRO A 75 13.18 11.39 -1.00
N ASP A 76 11.97 11.29 -1.53
CA ASP A 76 11.58 12.04 -2.72
C ASP A 76 11.65 13.55 -2.45
N PRO A 77 11.61 14.36 -3.51
CA PRO A 77 11.78 15.81 -3.32
C PRO A 77 10.70 16.46 -2.49
N PHE A 78 9.46 15.97 -2.54
CA PHE A 78 8.40 16.60 -1.75
C PHE A 78 8.67 16.42 -0.26
N GLN A 79 9.00 15.19 0.15
CA GLN A 79 9.26 14.95 1.57
C GLN A 79 10.48 15.72 2.04
N CYS A 80 11.50 15.86 1.18
CA CYS A 80 12.65 16.69 1.53
C CYS A 80 12.25 18.14 1.73
N ALA A 81 11.47 18.71 0.81
CA ALA A 81 11.04 20.09 0.95
C ALA A 81 10.23 20.28 2.24
N VAL A 82 9.41 19.28 2.60
CA VAL A 82 8.65 19.36 3.84
C VAL A 82 9.59 19.40 5.04
N ALA A 83 10.57 18.49 5.06
CA ALA A 83 11.52 18.46 6.16
C ALA A 83 12.27 19.78 6.26
N ARG A 84 12.78 20.28 5.13
CA ARG A 84 13.52 21.54 5.16
C ARG A 84 12.66 22.70 5.64
N ALA A 85 11.37 22.69 5.31
CA ALA A 85 10.49 23.76 5.78
C ALA A 85 10.32 23.73 7.29
N VAL A 86 10.22 22.53 7.88
CA VAL A 86 10.05 22.45 9.32
C VAL A 86 11.37 22.64 10.05
N LEU A 87 12.49 22.25 9.43
CA LEU A 87 13.78 22.43 10.09
C LEU A 87 14.21 23.89 10.09
N GLY A 88 13.91 24.62 9.02
CA GLY A 88 14.35 25.99 8.89
C GLY A 88 13.82 26.91 9.96
N ASP A 104 13.59 24.30 -3.48
CA ASP A 104 12.49 25.22 -3.73
C ASP A 104 11.15 24.47 -3.75
N ALA A 105 10.19 24.97 -2.96
CA ALA A 105 8.92 24.27 -2.78
C ALA A 105 8.27 23.95 -4.12
N GLY A 106 8.22 24.94 -5.02
CA GLY A 106 7.52 24.74 -6.28
C GLY A 106 8.15 23.67 -7.15
N THR A 107 9.48 23.70 -7.27
CA THR A 107 10.14 22.70 -8.12
C THR A 107 10.15 21.32 -7.46
N ALA A 108 10.18 21.26 -6.13
CA ALA A 108 10.10 19.97 -5.45
C ALA A 108 8.76 19.30 -5.71
N LEU A 109 7.67 20.06 -5.65
CA LEU A 109 6.35 19.53 -5.96
C LEU A 109 6.28 19.03 -7.39
N ASP A 110 6.88 19.77 -8.34
CA ASP A 110 6.87 19.34 -9.73
C ASP A 110 7.66 18.04 -9.91
N ALA A 111 8.82 17.93 -9.26
CA ALA A 111 9.63 16.72 -9.38
C ALA A 111 9.00 15.55 -8.63
N GLY A 112 8.36 15.82 -7.48
CA GLY A 112 7.67 14.76 -6.77
C GLY A 112 6.53 14.18 -7.58
N LEU A 113 5.66 15.04 -8.11
CA LEU A 113 4.57 14.61 -8.98
C LEU A 113 4.98 14.60 -10.45
N ASP A 114 6.29 14.58 -10.72
CA ASP A 114 6.82 14.53 -12.07
C ASP A 114 6.33 13.27 -12.78
N GLY A 115 5.39 13.43 -13.71
CA GLY A 115 4.87 12.28 -14.42
C GLY A 115 4.10 11.31 -13.55
N PHE A 116 3.56 11.75 -12.42
CA PHE A 116 2.65 10.92 -11.64
C PHE A 116 1.37 10.75 -12.45
N ASP A 117 1.23 9.60 -13.09
CA ASP A 117 0.15 9.33 -14.04
C ASP A 117 -0.91 8.51 -13.30
N HIS A 118 -1.83 9.20 -12.65
CA HIS A 118 -2.79 8.55 -11.78
C HIS A 118 -4.03 9.42 -11.66
N PHE A 119 -5.18 8.78 -11.47
CA PHE A 119 -6.41 9.55 -11.43
C PHE A 119 -6.49 10.49 -10.23
N THR A 120 -5.62 10.33 -9.22
CA THR A 120 -5.61 11.22 -8.07
C THR A 120 -4.61 12.37 -8.21
N ALA A 121 -3.93 12.51 -9.35
CA ALA A 121 -2.89 13.52 -9.49
C ALA A 121 -3.41 14.90 -9.12
N GLY A 122 -4.60 15.26 -9.60
CA GLY A 122 -5.14 16.58 -9.30
C GLY A 122 -5.29 16.83 -7.82
N ARG A 123 -5.83 15.85 -7.10
CA ARG A 123 -6.00 15.98 -5.65
C ARG A 123 -4.65 16.02 -4.95
N LYS A 124 -3.68 15.24 -5.42
CA LYS A 124 -2.36 15.24 -4.80
C LYS A 124 -1.66 16.59 -4.97
N ARG A 125 -1.82 17.23 -6.11
CA ARG A 125 -1.23 18.55 -6.27
C ARG A 125 -1.79 19.52 -5.25
N LEU A 126 -3.11 19.51 -5.06
CA LEU A 126 -3.74 20.37 -4.07
C LEU A 126 -3.27 20.01 -2.66
N MET A 127 -3.33 18.72 -2.31
CA MET A 127 -2.89 18.28 -0.98
C MET A 127 -1.44 18.66 -0.72
N PHE A 128 -0.54 18.29 -1.63
CA PHE A 128 0.89 18.48 -1.35
C PHE A 128 1.25 19.95 -1.29
N ARG A 129 0.69 20.78 -2.19
CA ARG A 129 0.98 22.21 -2.12
C ARG A 129 0.42 22.83 -0.85
N THR A 130 -0.77 22.38 -0.41
CA THR A 130 -1.34 22.95 0.81
C THR A 130 -0.52 22.55 2.04
N VAL A 131 -0.04 21.31 2.09
CA VAL A 131 0.89 20.92 3.15
C VAL A 131 2.07 21.87 3.19
N LEU A 132 2.75 22.07 2.05
CA LEU A 132 3.93 22.92 2.04
C LEU A 132 3.58 24.36 2.42
N ALA A 133 2.43 24.87 1.96
CA ALA A 133 2.03 26.22 2.36
C ALA A 133 1.74 26.30 3.85
N ALA A 134 1.12 25.26 4.42
CA ALA A 134 0.82 25.30 5.85
C ALA A 134 2.10 25.34 6.67
N LEU A 135 3.18 24.77 6.15
CA LEU A 135 4.49 24.78 6.80
C LEU A 135 5.32 25.99 6.41
N GLY A 136 4.74 26.94 5.67
CA GLY A 136 5.39 28.19 5.37
C GLY A 136 6.42 28.17 4.26
N ALA A 137 6.37 27.20 3.35
CA ALA A 137 7.37 27.11 2.29
C ALA A 137 6.90 27.70 0.97
N THR A 138 5.60 27.93 0.80
CA THR A 138 5.06 28.45 -0.44
C THR A 138 3.69 29.03 -0.14
N GLY A 139 3.09 29.69 -1.15
CA GLY A 139 1.77 30.23 -0.98
C GLY A 139 0.69 29.15 -1.04
N PHE A 140 -0.49 29.49 -0.49
CA PHE A 140 -1.60 28.54 -0.57
C PHE A 140 -2.20 28.54 -1.97
N PRO A 141 -2.72 27.41 -2.43
CA PRO A 141 -3.33 27.38 -3.78
C PRO A 141 -4.49 28.36 -3.87
N ALA A 142 -4.51 29.14 -4.94
CA ALA A 142 -5.58 30.12 -5.16
C ALA A 142 -6.75 29.43 -5.84
N VAL A 143 -7.48 28.65 -5.05
CA VAL A 143 -8.56 27.83 -5.60
C VAL A 143 -9.82 28.08 -4.80
N PRO A 144 -10.98 27.81 -5.41
CA PRO A 144 -12.24 27.88 -4.65
C PRO A 144 -12.19 26.86 -3.52
N TRP A 145 -12.87 27.19 -2.41
CA TRP A 145 -12.80 26.31 -1.25
C TRP A 145 -13.38 24.94 -1.55
N GLU A 146 -14.30 24.86 -2.52
CA GLU A 146 -14.87 23.58 -2.93
C GLU A 146 -13.83 22.65 -3.52
N ALA A 147 -12.65 23.15 -3.87
CA ALA A 147 -11.60 22.28 -4.38
C ALA A 147 -11.21 21.21 -3.37
N TYR A 148 -11.37 21.49 -2.07
CA TYR A 148 -11.07 20.51 -1.04
C TYR A 148 -12.21 19.52 -0.80
N ASP A 149 -13.33 19.66 -1.51
CA ASP A 149 -14.42 18.68 -1.44
C ASP A 149 -14.02 17.38 -2.11
N THR A 150 -14.40 16.27 -1.50
CA THR A 150 -14.16 14.95 -2.06
C THR A 150 -15.34 14.05 -1.72
N ARG A 151 -15.72 13.21 -2.67
CA ARG A 151 -16.77 12.22 -2.40
C ARG A 151 -16.27 11.22 -1.35
N PRO A 152 -17.18 10.63 -0.58
CA PRO A 152 -16.77 9.64 0.42
C PRO A 152 -15.98 8.50 -0.21
N GLN A 153 -14.78 8.25 0.32
CA GLN A 153 -13.92 7.16 -0.13
C GLN A 153 -13.35 6.45 1.10
N GLN A 154 -12.03 6.31 1.18
CA GLN A 154 -11.46 5.80 2.43
C GLN A 154 -11.76 6.78 3.55
N SER A 155 -12.10 6.24 4.72
CA SER A 155 -12.64 7.06 5.80
C SER A 155 -11.71 8.23 6.13
N TRP A 156 -10.41 7.97 6.27
CA TRP A 156 -9.50 9.02 6.73
C TRP A 156 -9.27 10.10 5.69
N LEU A 157 -9.59 9.84 4.41
CA LEU A 157 -9.35 10.86 3.39
C LEU A 157 -10.26 12.07 3.58
N HIS A 158 -11.52 11.83 3.96
CA HIS A 158 -12.39 12.95 4.28
C HIS A 158 -11.75 13.85 5.34
N MET A 159 -11.25 13.25 6.40
CA MET A 159 -10.57 14.00 7.46
C MET A 159 -9.36 14.77 6.93
N GLU A 160 -8.53 14.11 6.11
CA GLU A 160 -7.33 14.78 5.60
C GLU A 160 -7.68 16.02 4.78
N MET A 161 -8.66 15.90 3.87
CA MET A 161 -9.02 17.01 3.02
C MET A 161 -9.64 18.15 3.82
N LYS A 162 -10.45 17.82 4.82
CA LYS A 162 -11.01 18.86 5.68
C LYS A 162 -9.93 19.56 6.48
N ALA A 163 -8.96 18.80 6.98
CA ALA A 163 -7.84 19.39 7.69
C ALA A 163 -7.10 20.40 6.81
N LEU A 164 -6.80 20.01 5.58
CA LEU A 164 -6.09 20.90 4.67
C LEU A 164 -6.93 22.15 4.35
N LYS A 165 -8.24 21.97 4.14
CA LYS A 165 -9.10 23.13 3.90
C LYS A 165 -9.04 24.11 5.06
N VAL A 166 -9.10 23.60 6.29
CA VAL A 166 -9.01 24.45 7.48
C VAL A 166 -7.67 25.17 7.53
N LEU A 167 -6.59 24.42 7.28
CA LEU A 167 -5.26 25.02 7.31
C LEU A 167 -5.15 26.14 6.28
N ALA A 168 -5.70 25.93 5.09
CA ALA A 168 -5.66 26.97 4.07
C ALA A 168 -6.53 28.16 4.45
N ALA A 169 -7.72 27.90 4.98
CA ALA A 169 -8.58 28.99 5.39
C ALA A 169 -7.89 29.88 6.43
N HIS A 170 -7.31 29.25 7.45
CA HIS A 170 -6.58 30.00 8.47
C HIS A 170 -5.27 30.54 7.92
N GLY A 171 -4.58 29.77 7.09
CA GLY A 171 -3.29 30.22 6.58
C GLY A 171 -3.39 31.45 5.70
N THR A 172 -4.51 31.64 5.02
CA THR A 172 -4.71 32.79 4.14
C THR A 172 -5.43 33.94 4.83
N GLY A 173 -5.78 33.80 6.10
CA GLY A 173 -6.44 34.85 6.83
C GLY A 173 -7.95 34.88 6.72
N HIS A 174 -8.59 33.76 6.41
CA HIS A 174 -10.05 33.70 6.25
C HIS A 174 -10.62 32.62 7.15
N PRO A 175 -10.40 32.70 8.46
CA PRO A 175 -10.92 31.66 9.37
C PRO A 175 -12.43 31.54 9.35
N ASP A 176 -13.16 32.63 9.08
CA ASP A 176 -14.62 32.55 9.06
C ASP A 176 -15.14 31.62 7.97
N VAL A 177 -14.31 31.27 7.00
CA VAL A 177 -14.70 30.34 5.94
C VAL A 177 -15.04 28.96 6.53
N VAL A 178 -14.39 28.56 7.62
CA VAL A 178 -14.56 27.20 8.14
C VAL A 178 -15.95 27.02 8.72
N ARG A 179 -16.63 25.95 8.32
CA ARG A 179 -17.97 25.63 8.78
C ARG A 179 -17.92 24.52 9.83
N ASP A 180 -19.01 24.41 10.61
CA ASP A 180 -19.01 23.39 11.67
C ASP A 180 -18.90 21.98 11.08
N GLU A 181 -19.38 21.75 9.86
CA GLU A 181 -19.21 20.44 9.26
C GLU A 181 -17.75 20.16 8.93
N ASP A 182 -16.94 21.20 8.75
CA ASP A 182 -15.50 20.99 8.54
C ASP A 182 -14.84 20.51 9.83
N TRP A 183 -15.11 21.19 10.95
CA TRP A 183 -14.57 20.78 12.23
C TRP A 183 -15.04 19.38 12.62
N ARG A 184 -16.31 19.06 12.34
CA ARG A 184 -16.85 17.79 12.79
C ARG A 184 -16.09 16.61 12.21
N ALA A 185 -15.60 16.76 10.97
CA ALA A 185 -14.85 15.69 10.32
C ALA A 185 -13.53 15.41 11.02
N LEU A 186 -13.03 16.33 11.84
CA LEU A 186 -11.75 16.16 12.49
C LEU A 186 -11.84 15.54 13.88
N LEU A 187 -13.05 15.32 14.40
CA LEU A 187 -13.17 14.85 15.78
C LEU A 187 -12.47 13.53 16.07
N PRO A 188 -12.34 12.59 15.13
CA PRO A 188 -11.65 11.34 15.48
C PRO A 188 -10.22 11.56 15.90
N ALA A 189 -9.60 12.68 15.47
CA ALA A 189 -8.21 12.94 15.82
C ALA A 189 -8.02 13.34 17.27
N LEU A 190 -9.11 13.60 18.01
CA LEU A 190 -9.02 13.97 19.41
C LEU A 190 -9.27 12.78 20.35
N GLU A 191 -9.54 11.61 19.79
CA GLU A 191 -9.76 10.41 20.59
C GLU A 191 -8.43 9.93 21.18
N PRO A 192 -8.44 9.42 22.41
CA PRO A 192 -7.20 8.97 23.03
C PRO A 192 -6.64 7.73 22.36
N GLY A 193 -5.36 7.46 22.65
CA GLY A 193 -4.71 6.26 22.18
C GLY A 193 -4.24 6.34 20.74
N PRO A 194 -4.08 5.19 20.10
CA PRO A 194 -3.50 5.15 18.75
C PRO A 194 -4.38 5.89 17.76
N ALA A 195 -3.76 6.26 16.64
CA ALA A 195 -4.47 7.05 15.64
C ALA A 195 -5.66 6.30 15.08
N TRP A 196 -6.72 7.04 14.82
CA TRP A 196 -7.91 6.48 14.17
C TRP A 196 -7.51 5.86 12.83
N GLU A 197 -7.98 4.64 12.60
CA GLU A 197 -7.64 3.86 11.40
C GLU A 197 -6.14 3.65 11.26
N CYS A 198 -5.39 3.69 12.36
CA CYS A 198 -3.96 3.41 12.35
C CYS A 198 -3.17 4.33 11.44
N ASN A 199 -3.72 5.51 11.10
CA ASN A 199 -3.12 6.42 10.13
C ASN A 199 -2.59 7.65 10.89
N ASN A 200 -1.27 7.70 11.09
CA ASN A 200 -0.67 8.83 11.80
C ASN A 200 -0.66 10.09 10.96
N LEU A 201 -0.56 9.97 9.64
CA LEU A 201 -0.56 11.15 8.79
C LEU A 201 -1.88 11.89 8.91
N ALA A 202 -2.99 11.16 8.84
CA ALA A 202 -4.29 11.81 8.89
C ALA A 202 -4.50 12.50 10.23
N GLN A 203 -4.10 11.83 11.32
CA GLN A 203 -4.28 12.45 12.64
C GLN A 203 -3.43 13.70 12.78
N LEU A 204 -2.18 13.66 12.30
CA LEU A 204 -1.30 14.83 12.45
C LEU A 204 -1.84 16.02 11.67
N LEU A 205 -2.34 15.79 10.45
CA LEU A 205 -2.94 16.90 9.70
C LEU A 205 -4.16 17.46 10.40
N ALA A 206 -5.00 16.60 10.95
CA ALA A 206 -6.19 17.06 11.65
C ALA A 206 -5.81 17.86 12.90
N LEU A 207 -4.77 17.43 13.62
CA LEU A 207 -4.36 18.14 14.83
C LEU A 207 -3.73 19.49 14.50
N LEU A 208 -2.93 19.55 13.42
CA LEU A 208 -2.44 20.83 12.93
C LEU A 208 -3.58 21.80 12.63
N ALA A 209 -4.69 21.27 12.08
CA ALA A 209 -5.85 22.13 11.84
C ALA A 209 -6.57 22.45 13.14
N LEU A 210 -6.79 21.44 13.98
CA LEU A 210 -7.56 21.61 15.20
C LEU A 210 -6.91 22.58 16.17
N ARG A 211 -5.58 22.65 16.18
CA ARG A 211 -4.98 23.58 17.13
C ARG A 211 -5.37 25.02 16.86
N HIS A 212 -6.03 25.30 15.73
CA HIS A 212 -6.55 26.64 15.46
C HIS A 212 -7.95 26.87 16.04
N SER A 213 -8.53 25.89 16.73
CA SER A 213 -9.91 26.03 17.21
C SER A 213 -9.95 26.11 18.72
N PRO A 214 -10.36 27.24 19.32
CA PRO A 214 -10.45 27.29 20.79
C PRO A 214 -11.36 26.24 21.41
N ARG A 215 -12.48 25.93 20.78
CA ARG A 215 -13.38 24.98 21.43
C ARG A 215 -12.94 23.53 21.29
N HIS A 216 -11.82 23.27 20.62
CA HIS A 216 -11.27 21.93 20.55
C HIS A 216 -9.99 21.75 21.34
N ARG A 217 -9.39 22.83 21.82
CA ARG A 217 -8.09 22.79 22.50
C ARG A 217 -8.11 22.02 23.82
N PRO A 218 -9.24 21.95 24.54
CA PRO A 218 -9.25 21.13 25.77
C PRO A 218 -8.83 19.70 25.56
N ALA A 219 -9.09 19.13 24.38
CA ALA A 219 -8.68 17.76 24.11
C ALA A 219 -7.28 17.64 23.52
N LEU A 220 -6.64 18.76 23.18
CA LEU A 220 -5.39 18.69 22.44
C LEU A 220 -4.24 18.18 23.31
N GLY A 221 -4.18 18.61 24.57
CA GLY A 221 -3.05 18.25 25.41
C GLY A 221 -2.85 16.76 25.55
N ASP A 222 -3.92 16.04 25.85
CA ASP A 222 -3.81 14.59 26.05
C ASP A 222 -3.33 13.89 24.78
N VAL A 223 -3.75 14.34 23.60
CA VAL A 223 -3.38 13.55 22.43
C VAL A 223 -1.94 13.81 22.02
N LEU A 224 -1.41 15.02 22.27
CA LEU A 224 -0.01 15.29 21.98
C LEU A 224 0.91 14.37 22.78
N LYS A 225 0.52 14.05 24.01
CA LYS A 225 1.26 13.08 24.80
C LYS A 225 1.35 11.75 24.07
N HIS A 226 0.23 11.26 23.54
CA HIS A 226 0.25 9.96 22.87
C HIS A 226 0.99 10.05 21.54
N VAL A 227 0.69 11.07 20.73
CA VAL A 227 1.48 11.32 19.53
C VAL A 227 2.96 11.24 19.85
N ALA A 228 3.40 11.97 20.88
CA ALA A 228 4.81 12.01 21.22
C ALA A 228 5.36 10.63 21.60
N GLY A 229 4.51 9.75 22.13
CA GLY A 229 4.93 8.43 22.54
C GLY A 229 5.07 7.42 21.42
N ARG A 230 4.66 7.80 20.21
CA ARG A 230 4.69 6.91 19.06
C ARG A 230 6.06 6.85 18.39
N LEU A 231 7.00 7.69 18.79
CA LEU A 231 8.30 7.72 18.14
C LEU A 231 8.92 6.34 18.14
N ARG A 232 9.58 6.02 17.04
CA ARG A 232 10.29 4.75 16.89
C ARG A 232 11.70 4.90 17.41
N PRO A 233 12.44 3.79 17.54
CA PRO A 233 13.80 3.88 18.06
C PRO A 233 14.67 4.89 17.35
N ASP A 234 14.53 5.03 16.02
CA ASP A 234 15.36 5.98 15.29
C ASP A 234 14.92 7.42 15.46
N GLY A 235 13.94 7.68 16.31
CA GLY A 235 13.48 9.04 16.57
C GLY A 235 12.38 9.53 15.66
N GLY A 236 11.92 8.71 14.73
CA GLY A 236 10.94 9.11 13.75
C GLY A 236 9.52 8.64 14.05
N MET A 237 8.62 9.04 13.17
CA MET A 237 7.20 8.74 13.26
C MET A 237 6.77 7.92 12.05
N PRO A 238 6.16 6.75 12.21
CA PRO A 238 5.75 5.97 11.04
C PRO A 238 4.46 6.52 10.42
N PHE A 239 4.30 6.23 9.14
CA PHE A 239 3.07 6.59 8.43
C PHE A 239 1.86 5.91 9.08
N ILE A 240 1.95 4.60 9.30
CA ILE A 240 0.86 3.81 9.85
C ILE A 240 1.43 2.96 10.99
N ASP A 241 0.51 2.42 11.80
CA ASP A 241 0.92 1.54 12.89
C ASP A 241 1.56 0.25 12.37
N GLY A 242 1.01 -0.29 11.30
CA GLY A 242 1.54 -1.50 10.71
C GLY A 242 0.60 -1.99 9.62
N MET A 243 0.97 -3.12 9.03
CA MET A 243 0.16 -3.75 7.98
C MET A 243 0.01 -5.25 8.26
N THR A 244 -0.36 -5.62 9.49
CA THR A 244 -0.27 -7.04 9.83
C THR A 244 -1.35 -7.87 9.14
N VAL A 245 -2.51 -7.30 8.85
CA VAL A 245 -3.54 -8.08 8.15
C VAL A 245 -3.08 -8.38 6.72
N PHE A 246 -2.64 -7.36 5.99
CA PHE A 246 -2.15 -7.57 4.62
C PHE A 246 -0.96 -8.52 4.61
N THR A 247 -0.04 -8.35 5.55
CA THR A 247 1.18 -9.15 5.55
C THR A 247 0.90 -10.58 5.95
N THR A 248 0.08 -10.77 6.99
CA THR A 248 -0.29 -12.11 7.40
C THR A 248 -1.04 -12.83 6.28
N ALA A 249 -1.96 -12.15 5.59
CA ALA A 249 -2.70 -12.81 4.52
C ALA A 249 -1.77 -13.19 3.37
N ALA A 250 -0.90 -12.28 2.94
CA ALA A 250 0.02 -12.60 1.86
C ALA A 250 0.96 -13.75 2.25
N ALA A 251 1.41 -13.76 3.50
CA ALA A 251 2.33 -14.82 3.92
C ALA A 251 1.59 -16.16 4.02
N GLY A 252 0.34 -16.16 4.48
CA GLY A 252 -0.43 -17.39 4.50
C GLY A 252 -0.66 -17.93 3.11
N LEU A 253 -0.97 -17.04 2.16
CA LEU A 253 -1.11 -17.46 0.77
C LEU A 253 0.17 -18.13 0.27
N ALA A 254 1.32 -17.49 0.51
CA ALA A 254 2.59 -18.09 0.12
C ALA A 254 2.78 -19.46 0.76
N LEU A 255 2.56 -19.56 2.08
CA LEU A 255 2.79 -20.84 2.75
C LEU A 255 1.81 -21.90 2.26
N SER A 256 0.58 -21.50 1.92
CA SER A 256 -0.40 -22.46 1.45
C SER A 256 -0.12 -22.95 0.04
N LEU A 257 0.77 -22.28 -0.70
CA LEU A 257 1.20 -22.71 -2.02
C LEU A 257 2.45 -23.60 -1.99
N LEU A 258 3.05 -23.82 -0.82
CA LEU A 258 4.17 -24.76 -0.73
C LEU A 258 3.67 -26.19 -0.89
N PRO A 259 4.54 -27.12 -1.32
CA PRO A 259 4.10 -28.52 -1.47
C PRO A 259 3.44 -29.07 -0.22
N ALA A 260 3.98 -28.80 0.96
CA ALA A 260 3.40 -29.26 2.23
C ALA A 260 3.27 -28.06 3.15
N PRO A 261 2.14 -27.37 3.13
CA PRO A 261 1.99 -26.14 3.92
C PRO A 261 2.14 -26.42 5.41
N PRO A 262 2.75 -25.50 6.15
CA PRO A 262 2.94 -25.72 7.59
C PRO A 262 1.64 -25.68 8.37
N ALA A 263 1.69 -26.27 9.57
CA ALA A 263 0.52 -26.27 10.43
C ALA A 263 0.07 -24.85 10.76
N CYS A 264 1.00 -23.90 10.83
CA CYS A 264 0.63 -22.58 11.31
C CYS A 264 -0.37 -21.87 10.41
N VAL A 265 -0.64 -22.36 9.19
CA VAL A 265 -1.62 -21.67 8.35
C VAL A 265 -2.99 -21.65 9.01
N THR A 266 -3.28 -22.63 9.88
CA THR A 266 -4.60 -22.66 10.50
C THR A 266 -4.79 -21.54 11.50
N PRO A 267 -3.89 -21.33 12.48
CA PRO A 267 -4.05 -20.15 13.35
C PRO A 267 -3.96 -18.84 12.60
N MET A 268 -3.22 -18.81 11.47
CA MET A 268 -3.18 -17.58 10.68
C MET A 268 -4.54 -17.29 10.06
N ALA A 269 -5.16 -18.31 9.48
CA ALA A 269 -6.50 -18.13 8.91
C ALA A 269 -7.51 -17.69 9.98
N ASP A 270 -7.42 -18.28 11.16
CA ASP A 270 -8.31 -17.90 12.25
C ASP A 270 -8.09 -16.45 12.66
N ALA A 271 -6.81 -16.05 12.79
CA ALA A 271 -6.51 -14.67 13.19
C ALA A 271 -7.10 -13.68 12.20
N LEU A 272 -7.00 -13.97 10.90
CA LEU A 272 -7.55 -13.08 9.89
C LEU A 272 -9.06 -13.06 9.95
N ALA A 273 -9.70 -14.24 9.99
CA ALA A 273 -11.16 -14.32 9.90
C ALA A 273 -11.82 -13.57 11.04
N LEU A 274 -11.30 -13.70 12.27
CA LEU A 274 -11.93 -13.02 13.39
C LEU A 274 -11.75 -11.51 13.36
N ARG A 275 -10.97 -11.00 12.41
CA ARG A 275 -10.76 -9.56 12.25
C ARG A 275 -11.58 -8.97 11.10
N ARG A 276 -12.46 -9.75 10.47
CA ARG A 276 -13.19 -9.22 9.34
C ARG A 276 -14.15 -8.13 9.80
N ASN A 277 -14.38 -7.17 8.91
CA ASN A 277 -15.25 -6.04 9.22
C ASN A 277 -16.70 -6.40 8.96
N PRO A 278 -17.64 -5.62 9.49
CA PRO A 278 -19.06 -5.96 9.31
C PRO A 278 -19.45 -6.08 7.86
N ASP A 279 -18.80 -5.35 6.96
CA ASP A 279 -19.15 -5.47 5.54
C ASP A 279 -18.56 -6.70 4.89
N GLY A 280 -17.83 -7.53 5.65
CA GLY A 280 -17.25 -8.73 5.10
C GLY A 280 -15.84 -8.58 4.59
N GLY A 281 -15.33 -7.35 4.47
CA GLY A 281 -13.98 -7.11 4.00
C GLY A 281 -12.99 -7.00 5.14
N TYR A 282 -11.74 -6.67 4.77
CA TYR A 282 -10.63 -6.59 5.68
C TYR A 282 -9.87 -5.30 5.45
N GLY A 283 -9.44 -4.67 6.55
CA GLY A 283 -8.53 -3.55 6.51
C GLY A 283 -7.09 -4.04 6.59
N PHE A 284 -6.16 -3.09 6.51
CA PHE A 284 -4.76 -3.44 6.35
C PHE A 284 -4.08 -3.81 7.66
N HIS A 285 -4.66 -3.47 8.79
CA HIS A 285 -4.03 -3.71 10.09
C HIS A 285 -5.15 -3.94 11.10
N SER A 286 -4.77 -4.44 12.26
CA SER A 286 -5.75 -4.59 13.33
C SER A 286 -6.37 -3.24 13.67
N GLY A 287 -7.69 -3.24 13.85
CA GLY A 287 -8.39 -2.03 14.23
C GLY A 287 -8.68 -1.06 13.12
N VAL A 288 -8.46 -1.43 11.87
CA VAL A 288 -8.83 -0.60 10.73
C VAL A 288 -10.23 -1.03 10.31
N ALA A 289 -11.21 -0.12 10.47
CA ALA A 289 -12.58 -0.41 10.10
C ALA A 289 -12.83 -0.23 8.61
N GLN A 290 -11.99 0.55 7.93
CA GLN A 290 -12.08 0.66 6.49
C GLN A 290 -11.59 -0.63 5.85
N SER A 291 -12.47 -1.33 5.15
CA SER A 291 -12.06 -2.47 4.33
C SER A 291 -11.53 -1.98 2.98
N ASP A 292 -10.68 -2.80 2.35
CA ASP A 292 -10.25 -2.51 0.99
C ASP A 292 -10.15 -3.80 0.17
N VAL A 293 -10.15 -3.63 -1.15
CA VAL A 293 -10.16 -4.76 -2.06
C VAL A 293 -8.83 -5.52 -2.02
N ALA A 294 -7.71 -4.81 -1.87
CA ALA A 294 -6.42 -5.49 -1.88
C ALA A 294 -6.28 -6.45 -0.70
N ASP A 295 -6.53 -5.95 0.52
CA ASP A 295 -6.49 -6.81 1.70
C ASP A 295 -7.47 -7.95 1.59
N THR A 296 -8.69 -7.65 1.14
CA THR A 296 -9.72 -8.67 1.12
C THR A 296 -9.38 -9.79 0.15
N CYS A 297 -8.83 -9.42 -1.02
CA CYS A 297 -8.49 -10.44 -2.01
C CYS A 297 -7.40 -11.38 -1.51
N TYR A 298 -6.41 -10.84 -0.80
CA TYR A 298 -5.39 -11.74 -0.23
C TYR A 298 -5.99 -12.64 0.83
N VAL A 299 -6.83 -12.11 1.73
CA VAL A 299 -7.44 -12.97 2.74
C VAL A 299 -8.29 -14.03 2.06
N LEU A 300 -9.10 -13.61 1.09
CA LEU A 300 -9.98 -14.55 0.40
C LEU A 300 -9.20 -15.66 -0.30
N GLU A 301 -8.14 -15.29 -1.03
CA GLU A 301 -7.30 -16.30 -1.69
C GLU A 301 -6.70 -17.26 -0.68
N PHE A 302 -6.22 -16.73 0.45
CA PHE A 302 -5.62 -17.56 1.48
C PHE A 302 -6.66 -18.50 2.10
N LEU A 303 -7.78 -17.96 2.57
CA LEU A 303 -8.78 -18.79 3.22
C LEU A 303 -9.30 -19.87 2.27
N ARG A 304 -9.46 -19.53 0.99
CA ARG A 304 -9.94 -20.51 0.02
C ARG A 304 -9.02 -21.72 -0.07
N ARG A 305 -7.72 -21.53 0.16
CA ARG A 305 -6.77 -22.62 0.08
C ARG A 305 -6.56 -23.32 1.41
N ALA A 306 -6.51 -22.56 2.51
CA ALA A 306 -6.16 -23.13 3.81
C ALA A 306 -7.36 -23.48 4.69
N ALA A 307 -8.50 -22.85 4.50
CA ALA A 307 -9.59 -23.12 5.43
C ALA A 307 -10.94 -22.90 4.77
N PRO A 308 -11.17 -23.47 3.59
CA PRO A 308 -12.42 -23.16 2.87
C PRO A 308 -13.67 -23.65 3.58
N ASP A 309 -13.57 -24.73 4.36
CA ASP A 309 -14.72 -25.21 5.14
C ASP A 309 -14.74 -24.59 6.53
N ARG A 310 -13.62 -24.66 7.24
CA ARG A 310 -13.52 -24.05 8.55
C ARG A 310 -13.95 -22.58 8.55
N HIS A 311 -13.65 -21.85 7.48
CA HIS A 311 -14.02 -20.43 7.40
C HIS A 311 -14.94 -20.15 6.22
N ARG A 312 -15.86 -21.08 5.97
CA ARG A 312 -16.78 -20.96 4.84
C ARG A 312 -17.57 -19.67 4.89
N THR A 313 -18.01 -19.25 6.09
CA THR A 313 -18.85 -18.07 6.19
C THR A 313 -18.06 -16.81 5.89
N ALA A 314 -16.85 -16.69 6.46
CA ALA A 314 -15.99 -15.55 6.15
C ALA A 314 -15.68 -15.47 4.68
N VAL A 315 -15.39 -16.62 4.05
CA VAL A 315 -15.17 -16.64 2.60
C VAL A 315 -16.36 -16.04 1.87
N ALA A 316 -17.56 -16.59 2.13
CA ALA A 316 -18.75 -16.07 1.48
C ALA A 316 -18.93 -14.58 1.75
N GLU A 317 -18.66 -14.13 2.97
CA GLU A 317 -18.83 -12.71 3.28
C GLU A 317 -17.84 -11.84 2.54
N ALA A 318 -16.63 -12.34 2.30
CA ALA A 318 -15.63 -11.58 1.53
C ALA A 318 -16.04 -11.48 0.06
N GLU A 319 -16.53 -12.58 -0.52
CA GLU A 319 -17.04 -12.51 -1.89
C GLU A 319 -18.15 -11.47 -2.00
N GLY A 320 -19.10 -11.50 -1.05
CA GLY A 320 -20.17 -10.51 -1.07
C GLY A 320 -19.64 -9.10 -0.96
N TYR A 321 -18.62 -8.89 -0.12
CA TYR A 321 -18.01 -7.57 -0.01
C TYR A 321 -17.51 -7.09 -1.36
N LEU A 322 -16.79 -7.94 -2.09
CA LEU A 322 -16.20 -7.53 -3.36
C LEU A 322 -17.28 -7.21 -4.40
N LEU A 323 -18.30 -8.08 -4.48
CA LEU A 323 -19.37 -7.86 -5.45
C LEU A 323 -20.14 -6.57 -5.17
N ALA A 324 -20.28 -6.19 -3.90
CA ALA A 324 -20.95 -4.95 -3.56
C ALA A 324 -20.15 -3.71 -3.96
N LEU A 325 -18.84 -3.86 -4.15
CA LEU A 325 -17.97 -2.75 -4.53
C LEU A 325 -17.81 -2.58 -6.04
N ARG A 326 -18.18 -3.58 -6.82
CA ARG A 326 -17.87 -3.62 -8.23
C ARG A 326 -18.46 -2.42 -8.96
N ASN A 327 -17.67 -1.80 -9.83
CA ASN A 327 -18.14 -0.66 -10.61
C ASN A 327 -18.87 -1.11 -11.87
N PRO A 328 -19.73 -0.25 -12.42
CA PRO A 328 -20.48 -0.62 -13.63
C PRO A 328 -19.59 -0.93 -14.83
N ASP A 329 -18.36 -0.40 -14.89
CA ASP A 329 -17.50 -0.66 -16.04
C ASP A 329 -16.85 -2.04 -16.00
N GLY A 330 -17.20 -2.86 -15.00
CA GLY A 330 -16.60 -4.15 -14.82
C GLY A 330 -15.36 -4.16 -13.95
N GLY A 331 -14.75 -3.00 -13.70
CA GLY A 331 -13.60 -2.93 -12.83
C GLY A 331 -13.97 -2.78 -11.37
N PHE A 332 -12.94 -2.79 -10.53
CA PHE A 332 -13.08 -2.67 -9.08
C PHE A 332 -12.27 -1.49 -8.57
N PRO A 333 -12.82 -0.69 -7.67
CA PRO A 333 -12.05 0.36 -7.01
C PRO A 333 -11.28 -0.23 -5.85
N THR A 334 -10.52 0.62 -5.15
CA THR A 334 -9.82 0.15 -3.96
C THR A 334 -10.75 0.13 -2.75
N PHE A 335 -11.52 1.19 -2.58
CA PHE A 335 -12.24 1.44 -1.32
C PHE A 335 -13.74 1.54 -1.48
N ALA A 336 -14.23 2.16 -2.55
CA ALA A 336 -15.65 2.49 -2.59
C ALA A 336 -16.16 2.50 -4.02
N ARG A 337 -17.32 1.88 -4.22
CA ARG A 337 -17.98 1.92 -5.52
C ARG A 337 -18.21 3.36 -5.95
N GLY A 338 -18.06 3.62 -7.23
CA GLY A 338 -18.16 4.97 -7.74
C GLY A 338 -16.84 5.72 -7.78
N THR A 339 -15.84 5.29 -7.03
CA THR A 339 -14.49 5.76 -7.25
C THR A 339 -13.87 4.99 -8.42
N SER A 340 -12.91 5.61 -9.09
CA SER A 340 -12.37 5.04 -10.32
C SER A 340 -11.88 3.61 -10.11
N SER A 341 -12.23 2.73 -11.03
CA SER A 341 -11.68 1.38 -11.01
C SER A 341 -10.16 1.43 -11.15
N GLU A 342 -9.49 0.40 -10.63
CA GLU A 342 -8.05 0.27 -10.78
C GLU A 342 -7.71 -1.10 -11.35
N ILE A 343 -6.67 -1.15 -12.19
CA ILE A 343 -6.33 -2.38 -12.89
C ILE A 343 -5.94 -3.48 -11.90
N ALA A 344 -4.99 -3.17 -11.01
CA ALA A 344 -4.50 -4.18 -10.09
C ALA A 344 -5.61 -4.70 -9.18
N MET A 345 -6.45 -3.79 -8.65
CA MET A 345 -7.59 -4.22 -7.85
C MET A 345 -8.54 -5.08 -8.67
N THR A 346 -8.76 -4.71 -9.94
CA THR A 346 -9.69 -5.48 -10.76
C THR A 346 -9.17 -6.87 -11.05
N ALA A 347 -7.88 -6.99 -11.38
CA ALA A 347 -7.28 -8.31 -11.58
C ALA A 347 -7.32 -9.12 -10.29
N ALA A 348 -6.99 -8.50 -9.15
CA ALA A 348 -7.01 -9.23 -7.89
C ALA A 348 -8.40 -9.78 -7.59
N ALA A 349 -9.44 -8.95 -7.80
CA ALA A 349 -10.79 -9.39 -7.51
C ALA A 349 -11.24 -10.48 -8.48
N ALA A 350 -10.84 -10.36 -9.75
CA ALA A 350 -11.14 -11.41 -10.71
C ALA A 350 -10.59 -12.76 -10.24
N SER A 351 -9.31 -12.78 -9.85
CA SER A 351 -8.70 -14.03 -9.39
C SER A 351 -9.38 -14.53 -8.13
N ALA A 352 -9.64 -13.64 -7.18
CA ALA A 352 -10.25 -14.05 -5.92
C ALA A 352 -11.68 -14.57 -6.11
N LEU A 353 -12.42 -14.02 -7.06
CA LEU A 353 -13.81 -14.42 -7.30
C LEU A 353 -13.95 -15.60 -8.27
N ALA A 354 -12.86 -16.02 -8.92
CA ALA A 354 -12.96 -17.05 -9.94
C ALA A 354 -13.17 -18.44 -9.36
N HIS A 355 -13.00 -18.62 -8.06
CA HIS A 355 -13.13 -19.94 -7.45
C HIS A 355 -14.57 -20.37 -7.27
N ASP A 356 -15.54 -19.56 -7.69
CA ASP A 356 -16.95 -19.92 -7.64
C ASP A 356 -17.54 -19.81 -9.05
N PRO A 357 -18.10 -20.89 -9.61
CA PRO A 357 -18.57 -20.82 -11.00
C PRO A 357 -19.81 -19.96 -11.20
N ASP A 358 -20.47 -19.51 -10.12
CA ASP A 358 -21.63 -18.64 -10.25
C ASP A 358 -21.25 -17.16 -10.40
N ARG A 359 -20.01 -16.78 -10.09
CA ARG A 359 -19.53 -15.43 -10.32
C ARG A 359 -18.79 -15.29 -11.66
N ARG A 360 -19.02 -16.24 -12.57
CA ARG A 360 -18.29 -16.23 -13.83
C ARG A 360 -18.53 -14.94 -14.62
N GLU A 361 -19.77 -14.46 -14.66
CA GLU A 361 -20.07 -13.25 -15.43
C GLU A 361 -19.24 -12.07 -14.93
N GLU A 362 -19.18 -11.88 -13.61
CA GLU A 362 -18.41 -10.76 -13.09
C GLU A 362 -16.92 -10.98 -13.26
N VAL A 363 -16.45 -12.22 -13.14
CA VAL A 363 -15.03 -12.48 -13.36
C VAL A 363 -14.66 -12.18 -14.82
N ASP A 364 -15.48 -12.62 -15.77
CA ASP A 364 -15.16 -12.37 -17.18
C ASP A 364 -15.14 -10.87 -17.48
N GLU A 365 -16.12 -10.13 -16.95
CA GLU A 365 -16.15 -8.68 -17.19
C GLU A 365 -14.92 -8.00 -16.58
N ALA A 366 -14.45 -8.49 -15.43
CA ALA A 366 -13.26 -7.90 -14.83
C ALA A 366 -12.02 -8.17 -15.67
N VAL A 367 -11.86 -9.39 -16.18
CA VAL A 367 -10.70 -9.69 -17.00
C VAL A 367 -10.74 -8.89 -18.30
N ARG A 368 -11.92 -8.69 -18.86
CA ARG A 368 -12.03 -7.87 -20.07
C ARG A 368 -11.64 -6.43 -19.77
N TYR A 369 -11.97 -5.93 -18.57
CA TYR A 369 -11.52 -4.61 -18.19
C TYR A 369 -10.00 -4.53 -18.16
N VAL A 370 -9.37 -5.57 -17.62
CA VAL A 370 -7.91 -5.62 -17.59
C VAL A 370 -7.33 -5.57 -19.01
N VAL A 371 -7.88 -6.38 -19.92
CA VAL A 371 -7.34 -6.38 -21.28
C VAL A 371 -7.53 -5.01 -21.94
N ARG A 372 -8.70 -4.39 -21.75
CA ARG A 372 -8.97 -3.11 -22.37
C ARG A 372 -7.99 -2.03 -21.95
N HIS A 373 -7.43 -2.13 -20.75
CA HIS A 373 -6.61 -1.07 -20.21
C HIS A 373 -5.12 -1.36 -20.25
N GLN A 374 -4.71 -2.48 -20.83
CA GLN A 374 -3.30 -2.72 -21.04
C GLN A 374 -2.75 -1.65 -21.98
N ARG A 375 -1.54 -1.17 -21.67
CA ARG A 375 -0.94 -0.10 -22.46
C ARG A 375 -0.31 -0.62 -23.74
N PRO A 376 0.00 0.27 -24.69
CA PRO A 376 0.60 -0.18 -25.96
C PRO A 376 1.95 -0.85 -25.79
N ASP A 377 2.65 -0.66 -24.67
CA ASP A 377 3.93 -1.31 -24.44
C ASP A 377 3.79 -2.56 -23.57
N GLY A 378 2.56 -3.03 -23.33
CA GLY A 378 2.32 -4.24 -22.56
C GLY A 378 2.16 -4.05 -21.07
N THR A 379 2.41 -2.84 -20.55
CA THR A 379 2.27 -2.57 -19.13
C THR A 379 0.83 -2.16 -18.78
N PHE A 380 0.61 -1.88 -17.51
CA PHE A 380 -0.73 -1.53 -17.02
C PHE A 380 -0.75 -0.19 -16.28
N GLU A 381 -0.34 -0.18 -15.01
CA GLU A 381 -0.51 1.00 -14.18
C GLU A 381 0.42 0.88 -12.99
N ARG A 382 0.81 2.02 -12.43
CA ARG A 382 1.31 2.09 -11.06
C ARG A 382 0.21 2.72 -10.22
N SER A 383 -0.02 2.18 -9.03
CA SER A 383 -1.00 2.75 -8.11
C SER A 383 -0.45 2.64 -6.70
N TRP A 384 -0.83 1.58 -5.98
CA TRP A 384 -0.31 1.40 -4.62
C TRP A 384 1.11 0.85 -4.60
N SER A 385 1.57 0.25 -5.68
CA SER A 385 2.98 -0.10 -5.85
C SER A 385 3.63 0.88 -6.81
N ARG A 386 4.88 1.25 -6.56
CA ARG A 386 5.56 2.15 -7.47
C ARG A 386 6.41 1.41 -8.51
N ASN A 387 6.38 0.08 -8.54
CA ASN A 387 6.97 -0.63 -9.66
C ASN A 387 5.87 -1.01 -10.65
N ALA A 388 6.26 -1.19 -11.90
CA ALA A 388 5.32 -1.66 -12.92
C ALA A 388 5.06 -3.15 -12.82
N THR A 389 5.95 -3.89 -12.16
CA THR A 389 5.78 -5.34 -12.12
C THR A 389 4.60 -5.77 -11.26
N ASN A 390 4.15 -4.95 -10.30
CA ASN A 390 3.05 -5.38 -9.44
C ASN A 390 1.78 -5.58 -10.27
N ALA A 391 1.40 -4.57 -11.04
CA ALA A 391 0.18 -4.68 -11.83
C ALA A 391 0.32 -5.76 -12.91
N VAL A 392 1.53 -5.93 -13.45
CA VAL A 392 1.75 -7.00 -14.41
C VAL A 392 1.46 -8.36 -13.79
N PHE A 393 2.00 -8.61 -12.58
CA PHE A 393 1.80 -9.92 -11.96
C PHE A 393 0.32 -10.14 -11.65
N ARG A 394 -0.35 -9.12 -11.10
CA ARG A 394 -1.79 -9.22 -10.87
C ARG A 394 -2.54 -9.55 -12.15
N ALA A 395 -2.29 -8.78 -13.21
CA ALA A 395 -2.98 -8.99 -14.48
C ALA A 395 -2.69 -10.37 -15.06
N VAL A 396 -1.44 -10.80 -15.03
CA VAL A 396 -1.10 -12.08 -15.66
C VAL A 396 -1.78 -13.24 -14.93
N LEU A 397 -1.88 -13.17 -13.60
CA LEU A 397 -2.57 -14.22 -12.86
C LEU A 397 -4.04 -14.29 -13.24
N ALA A 398 -4.70 -13.14 -13.37
CA ALA A 398 -6.10 -13.14 -13.80
C ALA A 398 -6.23 -13.62 -15.24
N LEU A 399 -5.34 -13.16 -16.11
CA LEU A 399 -5.41 -13.53 -17.52
C LEU A 399 -5.15 -15.01 -17.75
N THR A 400 -4.31 -15.63 -16.92
CA THR A 400 -3.97 -17.03 -17.10
C THR A 400 -4.62 -17.94 -16.07
N GLY A 401 -5.19 -17.40 -15.01
CA GLY A 401 -5.77 -18.22 -13.96
C GLY A 401 -7.25 -18.49 -14.17
N VAL A 402 -7.98 -17.51 -14.67
CA VAL A 402 -9.39 -17.74 -15.00
C VAL A 402 -9.47 -18.67 -16.19
N ALA A 403 -10.34 -19.66 -16.11
CA ALA A 403 -10.54 -20.55 -17.25
C ALA A 403 -11.19 -19.79 -18.40
N ALA A 404 -10.86 -20.20 -19.62
CA ALA A 404 -11.41 -19.56 -20.82
C ALA A 404 -10.98 -20.34 -22.04
N HIS A 405 -11.80 -20.28 -23.10
CA HIS A 405 -11.54 -21.02 -24.32
C HIS A 405 -11.91 -20.16 -25.53
N GLY A 406 -11.52 -20.65 -26.69
CA GLY A 406 -11.87 -20.00 -27.94
C GLY A 406 -11.35 -18.59 -28.04
N GLU A 407 -12.17 -17.71 -28.62
CA GLU A 407 -11.77 -16.32 -28.85
C GLU A 407 -11.24 -15.67 -27.58
N GLU A 408 -11.92 -15.89 -26.45
CA GLU A 408 -11.52 -15.23 -25.22
C GLU A 408 -10.17 -15.74 -24.72
N ARG A 409 -9.90 -17.05 -24.86
CA ARG A 409 -8.60 -17.57 -24.48
C ARG A 409 -7.49 -16.88 -25.27
N ARG A 410 -7.64 -16.81 -26.60
CA ARG A 410 -6.66 -16.15 -27.45
C ARG A 410 -6.44 -14.69 -27.05
N SER A 411 -7.53 -13.96 -26.81
CA SER A 411 -7.40 -12.57 -26.43
C SER A 411 -6.61 -12.41 -25.12
N ARG A 412 -6.89 -13.27 -24.14
CA ARG A 412 -6.20 -13.18 -22.87
C ARG A 412 -4.75 -13.63 -22.99
N ALA A 413 -4.50 -14.68 -23.77
CA ALA A 413 -3.14 -15.15 -23.96
C ALA A 413 -2.28 -14.10 -24.66
N ARG A 414 -2.85 -13.41 -25.65
CA ARG A 414 -2.08 -12.36 -26.32
C ARG A 414 -1.76 -11.22 -25.36
N ALA A 415 -2.71 -10.85 -24.50
CA ALA A 415 -2.44 -9.80 -23.51
C ALA A 415 -1.38 -10.26 -22.51
N ALA A 416 -1.48 -11.49 -22.01
CA ALA A 416 -0.48 -11.98 -21.08
C ALA A 416 0.90 -12.01 -21.73
N GLU A 417 0.97 -12.45 -22.98
CA GLU A 417 2.25 -12.51 -23.68
C GLU A 417 2.91 -11.14 -23.76
N ARG A 418 2.13 -10.08 -24.04
CA ARG A 418 2.71 -8.75 -24.14
C ARG A 418 3.24 -8.29 -22.79
N ALA A 419 2.52 -8.60 -21.71
CA ALA A 419 2.97 -8.24 -20.37
C ALA A 419 4.27 -8.94 -20.03
N LEU A 420 4.34 -10.26 -20.27
CA LEU A 420 5.58 -11.00 -20.00
C LEU A 420 6.70 -10.53 -20.91
N ALA A 421 6.38 -10.13 -22.15
CA ALA A 421 7.40 -9.58 -23.02
C ALA A 421 7.92 -8.26 -22.48
N HIS A 422 7.04 -7.43 -21.94
CA HIS A 422 7.53 -6.22 -21.29
C HIS A 422 8.56 -6.57 -20.22
N LEU A 423 8.28 -7.59 -19.40
CA LEU A 423 9.24 -7.99 -18.38
C LEU A 423 10.56 -8.40 -19.00
N ALA A 424 10.52 -9.24 -20.03
CA ALA A 424 11.74 -9.67 -20.67
C ALA A 424 12.50 -8.50 -21.28
N ALA A 425 11.78 -7.52 -21.83
CA ALA A 425 12.44 -6.41 -22.49
C ALA A 425 13.14 -5.49 -21.49
N THR A 426 12.69 -5.45 -20.25
CA THR A 426 13.23 -4.52 -19.26
C THR A 426 14.05 -5.20 -18.17
N GLN A 427 14.26 -6.51 -18.26
CA GLN A 427 15.05 -7.20 -17.24
C GLN A 427 16.46 -6.64 -17.20
N ASN A 428 16.93 -6.33 -15.99
CA ASN A 428 18.27 -5.82 -15.83
C ASN A 428 19.30 -6.93 -16.03
N GLY A 429 20.56 -6.51 -16.19
CA GLY A 429 21.64 -7.45 -16.42
C GLY A 429 21.81 -8.46 -15.29
N ASP A 430 21.56 -8.04 -14.05
CA ASP A 430 21.70 -8.96 -12.93
C ASP A 430 20.52 -9.92 -12.81
N GLY A 431 19.54 -9.82 -13.70
CA GLY A 431 18.40 -10.71 -13.70
C GLY A 431 17.16 -10.16 -13.03
N GLY A 432 17.27 -9.00 -12.38
CA GLY A 432 16.17 -8.45 -11.62
C GLY A 432 15.47 -7.31 -12.35
N TRP A 433 14.47 -6.78 -11.67
CA TRP A 433 13.77 -5.57 -12.10
C TRP A 433 13.79 -4.58 -10.95
N GLY A 434 13.75 -3.30 -11.31
CA GLY A 434 13.55 -2.24 -10.36
C GLY A 434 12.18 -1.60 -10.51
N HIS A 435 12.04 -0.43 -9.87
CA HIS A 435 10.76 0.29 -9.90
C HIS A 435 10.42 0.77 -11.30
N ALA A 436 11.42 0.98 -12.14
CA ALA A 436 11.22 1.49 -13.50
C ALA A 436 12.29 0.86 -14.38
N GLU A 437 12.15 1.04 -15.70
CA GLU A 437 12.97 0.29 -16.63
C GLU A 437 14.46 0.51 -16.39
N ALA A 438 14.86 1.74 -16.03
CA ALA A 438 16.26 2.09 -15.87
C ALA A 438 16.70 2.12 -14.39
N GLU A 439 15.89 1.53 -13.47
CA GLU A 439 16.22 1.55 -12.05
C GLU A 439 16.98 0.28 -11.65
N PRO A 440 17.81 0.35 -10.62
CA PRO A 440 18.49 -0.88 -10.14
C PRO A 440 17.47 -1.88 -9.62
N SER A 441 17.84 -3.16 -9.71
CA SER A 441 16.92 -4.22 -9.32
C SER A 441 16.66 -4.19 -7.80
N ASP A 442 15.50 -4.68 -7.40
CA ASP A 442 15.27 -4.93 -5.98
C ASP A 442 14.48 -6.22 -5.85
N PRO A 443 14.59 -6.90 -4.70
CA PRO A 443 13.92 -8.21 -4.57
C PRO A 443 12.41 -8.16 -4.71
N ILE A 444 11.74 -7.11 -4.24
CA ILE A 444 10.29 -7.08 -4.30
C ILE A 444 9.81 -6.94 -5.74
N SER A 445 10.35 -5.96 -6.47
CA SER A 445 10.01 -5.79 -7.88
C SER A 445 10.28 -7.08 -8.65
N THR A 446 11.40 -7.74 -8.35
CA THR A 446 11.73 -8.98 -9.03
C THR A 446 10.79 -10.09 -8.62
N ALA A 447 10.41 -10.14 -7.35
CA ALA A 447 9.44 -11.13 -6.90
C ALA A 447 8.16 -11.07 -7.72
N TYR A 448 7.63 -9.86 -7.93
CA TYR A 448 6.41 -9.71 -8.72
C TYR A 448 6.61 -10.22 -10.14
N ALA A 449 7.72 -9.84 -10.76
CA ALA A 449 8.00 -10.32 -12.12
C ALA A 449 8.05 -11.84 -12.17
N VAL A 450 8.66 -12.47 -11.15
CA VAL A 450 8.75 -13.92 -11.11
C VAL A 450 7.37 -14.57 -11.08
N ILE A 451 6.48 -14.05 -10.25
CA ILE A 451 5.13 -14.62 -10.19
C ILE A 451 4.49 -14.61 -11.57
N ALA A 452 4.63 -13.50 -12.28
CA ALA A 452 4.07 -13.41 -13.64
C ALA A 452 4.76 -14.38 -14.58
N LEU A 453 6.10 -14.40 -14.57
CA LEU A 453 6.84 -15.24 -15.50
C LEU A 453 6.58 -16.73 -15.24
N ALA A 454 6.23 -17.09 -14.01
CA ALA A 454 5.91 -18.48 -13.73
C ALA A 454 4.67 -18.93 -14.48
N ARG A 455 3.90 -18.02 -15.05
CA ARG A 455 2.78 -18.38 -15.91
C ARG A 455 3.17 -18.46 -17.39
N GLY A 456 4.40 -18.11 -17.74
CA GLY A 456 4.88 -18.23 -19.10
C GLY A 456 5.42 -19.63 -19.35
N PRO A 457 6.25 -19.78 -20.38
CA PRO A 457 6.83 -21.10 -20.66
C PRO A 457 7.72 -21.58 -19.52
N ARG A 458 7.93 -22.88 -19.48
CA ARG A 458 8.78 -23.47 -18.44
C ARG A 458 10.17 -22.84 -18.48
N ALA A 459 10.76 -22.70 -17.29
CA ALA A 459 12.08 -22.09 -17.18
C ALA A 459 13.10 -22.89 -18.00
N ARG A 460 14.00 -22.18 -18.65
CA ARG A 460 15.10 -22.77 -19.39
C ARG A 460 16.41 -22.15 -18.89
N PRO A 461 17.53 -22.83 -19.09
CA PRO A 461 18.81 -22.25 -18.68
C PRO A 461 19.05 -20.93 -19.39
N GLY A 462 19.34 -19.88 -18.61
CA GLY A 462 19.65 -18.56 -19.14
C GLY A 462 18.45 -17.77 -19.62
N GLY A 463 17.23 -18.27 -19.48
CA GLY A 463 16.04 -17.54 -19.82
C GLY A 463 15.66 -16.54 -18.74
N PRO A 464 14.65 -15.71 -19.05
CA PRO A 464 14.29 -14.62 -18.12
C PRO A 464 13.89 -15.12 -16.73
N LEU A 465 13.05 -16.15 -16.67
CA LEU A 465 12.65 -16.65 -15.36
C LEU A 465 13.81 -17.32 -14.64
N ASP A 466 14.60 -18.12 -15.37
CA ASP A 466 15.79 -18.71 -14.79
C ASP A 466 16.68 -17.66 -14.16
N ARG A 467 16.97 -16.58 -14.90
CA ARG A 467 17.87 -15.56 -14.39
C ARG A 467 17.26 -14.79 -13.22
N ALA A 468 15.94 -14.62 -13.21
CA ALA A 468 15.29 -13.90 -12.10
C ALA A 468 15.35 -14.71 -10.82
N LEU A 469 15.16 -16.02 -10.94
CA LEU A 469 15.30 -16.90 -9.79
C LEU A 469 16.72 -16.87 -9.25
N ALA A 470 17.72 -16.93 -10.15
CA ALA A 470 19.10 -16.84 -9.72
C ALA A 470 19.36 -15.54 -8.97
N TYR A 471 18.82 -14.42 -9.47
CA TYR A 471 18.94 -13.15 -8.78
C TYR A 471 18.40 -13.25 -7.36
N LEU A 472 17.20 -13.81 -7.20
CA LEU A 472 16.62 -13.94 -5.86
C LEU A 472 17.47 -14.85 -4.98
N VAL A 473 17.93 -15.98 -5.53
CA VAL A 473 18.84 -16.83 -4.78
C VAL A 473 20.05 -16.05 -4.29
N GLU A 474 20.60 -15.18 -5.15
CA GLU A 474 21.81 -14.46 -4.81
C GLU A 474 21.56 -13.44 -3.71
N ARG A 475 20.37 -12.83 -3.69
CA ARG A 475 20.11 -11.75 -2.75
C ARG A 475 19.67 -12.23 -1.38
N GLN A 476 19.54 -13.55 -1.16
CA GLN A 476 19.13 -14.04 0.15
C GLN A 476 20.23 -13.80 1.18
N HIS A 477 19.85 -13.21 2.30
CA HIS A 477 20.74 -12.92 3.40
C HIS A 477 21.19 -14.21 4.10
N PRO A 478 22.29 -14.17 4.85
CA PRO A 478 22.66 -15.32 5.67
C PRO A 478 21.60 -15.73 6.68
N ASP A 479 20.80 -14.80 7.20
CA ASP A 479 19.71 -15.19 8.10
C ASP A 479 18.49 -15.71 7.34
N GLY A 480 18.60 -15.91 6.03
CA GLY A 480 17.54 -16.48 5.23
C GLY A 480 16.54 -15.48 4.69
N GLY A 481 16.65 -14.21 5.09
CA GLY A 481 15.68 -13.22 4.72
C GLY A 481 16.15 -12.32 3.58
N TYR A 482 15.32 -11.34 3.27
CA TYR A 482 15.57 -10.39 2.20
C TYR A 482 15.40 -8.98 2.76
N ARG A 483 16.26 -8.07 2.30
CA ARG A 483 16.13 -6.65 2.60
C ARG A 483 15.98 -5.92 1.28
N SER A 484 14.83 -5.28 1.08
CA SER A 484 14.47 -4.69 -0.19
C SER A 484 14.10 -3.23 -0.01
N ARG A 485 14.43 -2.42 -1.00
CA ARG A 485 13.80 -1.14 -1.18
C ARG A 485 12.27 -1.33 -1.15
N PRO A 486 11.52 -0.44 -0.48
CA PRO A 486 10.07 -0.61 -0.42
C PRO A 486 9.41 -0.26 -1.75
N ASP A 487 8.23 -0.83 -1.97
CA ASP A 487 7.45 -0.51 -3.15
C ASP A 487 6.09 0.10 -2.86
N GLN A 488 5.59 0.02 -1.63
CA GLN A 488 4.24 0.49 -1.32
C GLN A 488 4.22 2.00 -1.21
N ALA A 489 3.15 2.61 -1.70
CA ALA A 489 2.96 4.06 -1.66
C ALA A 489 1.65 4.40 -0.97
N GLY A 490 1.63 5.59 -0.36
CA GLY A 490 0.46 6.09 0.32
C GLY A 490 0.83 7.27 1.19
N PRO A 491 0.19 8.42 0.99
CA PRO A 491 -0.65 8.64 -0.19
C PRO A 491 0.20 8.53 -1.44
N ARG A 492 -0.40 8.04 -2.52
CA ARG A 492 0.34 7.82 -3.75
C ARG A 492 0.87 9.16 -4.26
N PRO A 493 2.15 9.22 -4.71
CA PRO A 493 3.14 8.16 -4.92
C PRO A 493 4.22 8.03 -3.85
N LEU A 494 3.95 8.52 -2.64
CA LEU A 494 4.96 8.59 -1.59
C LEU A 494 5.20 7.22 -0.99
N LEU A 495 6.45 6.77 -1.00
CA LEU A 495 6.82 5.46 -0.50
C LEU A 495 6.80 5.42 1.02
N TYR A 496 6.41 4.26 1.57
CA TYR A 496 6.58 3.94 2.97
C TYR A 496 7.09 2.51 3.06
N ASP A 497 7.70 2.16 4.18
CA ASP A 497 8.52 0.95 4.28
C ASP A 497 7.99 0.02 5.35
N VAL A 498 7.36 -1.08 4.94
CA VAL A 498 6.99 -2.18 5.82
C VAL A 498 7.95 -3.33 5.53
N PRO A 499 9.05 -3.44 6.27
CA PRO A 499 10.11 -4.40 5.89
C PRO A 499 9.64 -5.84 5.85
N ALA A 500 8.64 -6.22 6.65
CA ALA A 500 8.23 -7.62 6.67
C ALA A 500 7.75 -8.10 5.31
N LEU A 501 7.31 -7.19 4.44
CA LEU A 501 6.77 -7.61 3.14
C LEU A 501 7.83 -8.19 2.20
N ALA A 502 9.10 -7.83 2.36
CA ALA A 502 10.11 -8.34 1.44
C ALA A 502 10.20 -9.86 1.48
N ASP A 503 10.32 -10.43 2.69
CA ASP A 503 10.37 -11.89 2.81
C ASP A 503 9.12 -12.54 2.26
N VAL A 504 7.97 -11.94 2.53
CA VAL A 504 6.68 -12.54 2.20
C VAL A 504 6.49 -12.61 0.69
N PHE A 505 6.77 -11.52 -0.02
CA PHE A 505 6.56 -11.55 -1.46
C PHE A 505 7.61 -12.38 -2.20
N VAL A 506 8.86 -12.41 -1.72
CA VAL A 506 9.82 -13.33 -2.35
C VAL A 506 9.36 -14.77 -2.16
N LEU A 507 8.84 -15.10 -0.98
CA LEU A 507 8.36 -16.47 -0.74
C LEU A 507 7.18 -16.78 -1.63
N LEU A 508 6.26 -15.82 -1.79
CA LEU A 508 5.16 -15.99 -2.72
C LEU A 508 5.68 -16.23 -4.13
N ALA A 509 6.68 -15.46 -4.56
CA ALA A 509 7.29 -15.69 -5.86
C ALA A 509 7.89 -17.10 -5.95
N LEU A 510 8.68 -17.51 -4.96
CA LEU A 510 9.33 -18.81 -5.07
C LEU A 510 8.31 -19.94 -4.99
N ALA A 511 7.24 -19.77 -4.22
CA ALA A 511 6.19 -20.79 -4.16
C ALA A 511 5.48 -20.90 -5.51
N HIS A 512 5.22 -19.78 -6.17
CA HIS A 512 4.62 -19.82 -7.50
C HIS A 512 5.53 -20.51 -8.51
N ALA A 513 6.84 -20.23 -8.43
CA ALA A 513 7.77 -20.64 -9.48
C ALA A 513 8.34 -22.03 -9.27
N THR A 514 8.01 -22.70 -8.17
CA THR A 514 8.57 -24.01 -7.88
C THR A 514 7.46 -25.05 -7.69
C1 FPF B . -3.62 4.77 1.94
O1 FPF B . -3.02 5.98 1.53
C2 FPF B . -2.52 3.86 2.38
F FPF B . -1.67 3.54 1.38
C3 FPF B . -2.36 3.38 3.61
C4 FPF B . -3.08 3.94 4.80
C5 FPF B . -1.45 2.23 3.89
C6 FPF B . -2.10 0.88 3.61
C7 FPF B . -2.55 0.74 2.19
C8 FPF B . -3.76 0.46 1.73
C10 FPF B . -4.84 -0.16 2.56
C9 FPF B . -4.14 0.77 0.30
C11 FPF B . -4.71 -0.40 -0.47
C12 FPF B . -3.65 -1.28 -1.05
C13 FPF B . -2.86 -2.13 -0.41
C14 FPF B . -1.56 -2.60 -0.98
C15 FPF B . -3.18 -2.68 0.94
P1 FPF B . -3.91 7.26 1.18
O1A FPF B . -5.29 7.10 1.71
O2A FPF B . -3.05 8.38 1.62
O3A FPF B . -3.94 7.17 -0.41
P2 FPF B . -4.35 8.13 -1.63
O1B FPF B . -3.30 7.93 -2.66
O2B FPF B . -5.70 7.68 -2.06
O3B FPF B . -4.37 9.51 -1.08
H1 FPF B . -4.18 4.32 1.12
H1A FPF B . -4.31 4.95 2.77
H4 FPF B . -4.14 3.69 4.74
H4A FPF B . -2.97 5.03 4.82
H4B FPF B . -2.66 3.53 5.71
H5 FPF B . -1.15 2.26 4.94
H5A FPF B . -0.56 2.33 3.28
H6 FPF B . -2.96 0.77 4.27
H6A FPF B . -1.39 0.09 3.84
H7 FPF B . -1.78 0.90 1.44
H10 FPF B . -4.89 0.34 3.52
H10A FPF B . -4.62 -1.22 2.71
H10B FPF B . -5.80 -0.07 2.05
H9 FPF B . -3.25 1.13 -0.22
H9A FPF B . -4.86 1.58 0.31
H11 FPF B . -5.31 0.00 -1.29
H11A FPF B . -5.36 -0.98 0.17
H12 FPF B . -3.52 -1.22 -2.12
H14 FPF B . -1.01 -1.75 -1.40
H14A FPF B . -1.76 -3.33 -1.76
H14B FPF B . -0.96 -3.06 -0.20
H15 FPF B . -4.26 -2.70 1.09
H15A FPF B . -2.73 -2.04 1.71
H15B FPF B . -2.79 -3.69 1.03
MG MG C . -4.36 10.58 1.41
MG MG D . -3.22 8.77 4.39
#